data_1R5O
#
_entry.id   1R5O
#
_cell.length_a   82.524
_cell.length_b   82.524
_cell.length_c   168.076
_cell.angle_alpha   90.00
_cell.angle_beta   90.00
_cell.angle_gamma   90.00
#
_symmetry.space_group_name_H-M   'P 43 21 2'
#
loop_
_entity.id
_entity.type
_entity.pdbx_description
1 polymer 'Eukaryotic peptide chain release factor GTP-binding subunit'
2 non-polymer 'PHOSPHOAMINOPHOSPHONIC ACID-GUANYLATE ESTER'
3 water water
#
_entity_poly.entity_id   1
_entity_poly.type   'polypeptide(L)'
_entity_poly.pdbx_seq_one_letter_code
;SAPAAALKKAAEAAEPATVTEDATDLQNEVDQELLKDMYGKEHVNIVFIGHVDAGKSTLGGNILFLTGMVDKRTMEKIER
EAKEAGKESWYLSWALDSTSEEREKGKTVEVGRAYFETEHRRFSLLDAPGHKGYVTNMINGASQADIGVLVISARRGEFE
AGFERGGQTREHAVLARTQGINHLVVVINKMDEPSVQWSEERYKECVDKLSMFLRRVAGYNSKTDVKYMPVSAYTGQNVK
DRVDSSVCPWYQGPSLLEYLDSMTHLERKVNAPFIMPIASKYKDLGTILEGKIEAGSIKKNSNVLVMPINQTLEVTAIYD
EADEEISSSICGDQVRLRVRGDDSDVQTGYVLTSTKNPVHATTRFIAQIAILELPSILTTGYSCVMHIHTAVEEVSFAKL
LHKLDKTNRKSKKPPMFATKGMKIIAELETQTPVCMERFEDYQYMGRFTLRDQGTTVAVGKVVKILD
;
_entity_poly.pdbx_strand_id   A
#
loop_
_chem_comp.id
_chem_comp.type
_chem_comp.name
_chem_comp.formula
GNP non-polymer 'PHOSPHOAMINOPHOSPHONIC ACID-GUANYLATE ESTER' 'C10 H17 N6 O13 P3'
#
# COMPACT_ATOMS: atom_id res chain seq x y z
N THR A 20 -18.69 9.41 -21.62
CA THR A 20 -18.23 10.56 -20.78
C THR A 20 -17.36 10.08 -19.61
N GLU A 21 -16.62 8.97 -19.83
CA GLU A 21 -15.88 8.31 -18.74
C GLU A 21 -14.61 7.57 -19.24
N ASP A 22 -14.23 6.54 -18.48
CA ASP A 22 -13.13 5.64 -18.83
C ASP A 22 -13.20 4.40 -17.94
N ALA A 23 -13.08 3.23 -18.55
CA ALA A 23 -13.01 1.96 -17.82
C ALA A 23 -11.73 1.21 -18.22
N THR A 24 -11.38 0.18 -17.45
CA THR A 24 -10.23 -0.67 -17.75
C THR A 24 -8.92 0.14 -17.95
N ASP A 25 -8.20 0.38 -16.85
CA ASP A 25 -6.93 1.13 -16.89
C ASP A 25 -5.76 0.21 -17.26
N LEU A 26 -4.84 -0.06 -16.33
CA LEU A 26 -3.82 -1.09 -16.47
C LEU A 26 -4.26 -2.36 -15.76
N GLN A 27 -5.56 -2.64 -15.85
CA GLN A 27 -6.13 -3.90 -15.45
C GLN A 27 -6.02 -4.83 -16.65
N ASN A 28 -5.54 -4.27 -17.77
CA ASN A 28 -5.09 -5.06 -18.92
C ASN A 28 -3.65 -5.56 -18.75
N GLU A 29 -3.11 -5.41 -17.55
CA GLU A 29 -1.84 -6.05 -17.18
C GLU A 29 -2.02 -7.57 -17.00
N VAL A 30 -3.22 -8.06 -17.32
CA VAL A 30 -3.50 -9.49 -17.42
C VAL A 30 -2.53 -10.17 -18.41
N ASP A 31 -1.33 -10.44 -17.91
CA ASP A 31 -0.22 -10.95 -18.71
C ASP A 31 0.40 -12.12 -17.94
N GLN A 32 1.32 -12.86 -18.56
CA GLN A 32 2.02 -13.93 -17.84
C GLN A 32 2.57 -13.39 -16.54
N GLU A 33 2.56 -14.22 -15.49
CA GLU A 33 3.06 -13.82 -14.17
C GLU A 33 4.60 -13.80 -14.10
N LEU A 34 5.20 -13.08 -15.04
CA LEU A 34 6.53 -12.50 -14.88
C LEU A 34 6.39 -10.97 -14.74
N LEU A 35 5.17 -10.52 -14.45
CA LEU A 35 4.93 -9.19 -13.94
C LEU A 35 5.88 -8.99 -12.75
N LYS A 36 5.81 -9.96 -11.83
CA LYS A 36 6.70 -10.03 -10.69
C LYS A 36 8.12 -10.22 -11.23
N ASP A 37 8.94 -9.17 -11.11
CA ASP A 37 10.34 -9.20 -11.57
C ASP A 37 10.85 -7.78 -11.58
N MET A 38 10.21 -7.02 -12.46
CA MET A 38 10.45 -5.61 -12.60
C MET A 38 9.58 -4.97 -11.52
N TYR A 39 8.29 -5.34 -11.55
CA TYR A 39 7.29 -4.87 -10.57
C TYR A 39 7.48 -5.48 -9.18
N GLY A 40 8.46 -4.96 -8.43
CA GLY A 40 8.77 -5.50 -7.12
C GLY A 40 7.54 -5.60 -6.22
N LYS A 41 7.72 -6.15 -5.01
CA LYS A 41 6.67 -6.08 -4.02
C LYS A 41 6.69 -4.68 -3.38
N GLU A 42 5.58 -4.29 -2.79
CA GLU A 42 5.48 -3.02 -2.08
C GLU A 42 6.20 -3.02 -0.73
N HIS A 43 7.02 -2.02 -0.54
CA HIS A 43 7.77 -1.86 0.70
C HIS A 43 6.94 -1.20 1.79
N VAL A 44 6.86 -1.86 2.93
CA VAL A 44 6.10 -1.34 4.05
C VAL A 44 6.92 -1.44 5.33
N ASN A 45 6.77 -0.46 6.20
CA ASN A 45 7.49 -0.47 7.45
C ASN A 45 6.47 -0.75 8.54
N ILE A 46 6.73 -1.80 9.34
CA ILE A 46 5.81 -2.23 10.39
C ILE A 46 6.56 -2.37 11.69
N VAL A 47 5.92 -2.05 12.79
CA VAL A 47 6.60 -2.05 14.09
C VAL A 47 5.73 -2.67 15.17
N PHE A 48 6.31 -3.55 15.97
CA PHE A 48 5.57 -4.21 17.02
C PHE A 48 5.82 -3.52 18.33
N ILE A 49 4.77 -3.00 18.95
CA ILE A 49 4.85 -2.39 20.26
C ILE A 49 4.23 -3.36 21.22
N GLY A 50 4.96 -3.74 22.25
CA GLY A 50 4.40 -4.70 23.18
C GLY A 50 4.97 -4.70 24.58
N HIS A 51 4.46 -5.65 25.33
CA HIS A 51 4.79 -5.82 26.72
C HIS A 51 6.01 -6.72 26.86
N VAL A 52 6.40 -6.95 28.10
CA VAL A 52 7.59 -7.73 28.45
C VAL A 52 7.19 -9.20 28.62
N ASP A 53 6.34 -9.69 27.71
CA ASP A 53 5.57 -10.93 27.91
C ASP A 53 4.41 -11.07 26.93
N ALA A 54 4.33 -10.14 25.99
CA ALA A 54 3.21 -10.09 25.07
C ALA A 54 3.24 -11.27 24.09
N GLY A 55 4.45 -11.66 23.71
CA GLY A 55 4.63 -12.57 22.60
C GLY A 55 5.13 -11.78 21.40
N LYS A 56 5.52 -10.53 21.63
CA LYS A 56 5.98 -9.64 20.58
C LYS A 56 7.12 -10.26 19.77
N SER A 57 7.98 -11.00 20.46
CA SER A 57 9.10 -11.63 19.78
C SER A 57 8.72 -12.97 19.19
N THR A 58 8.02 -13.81 19.94
CA THR A 58 7.65 -15.10 19.38
C THR A 58 6.80 -14.89 18.16
N LEU A 59 5.85 -13.95 18.21
CA LEU A 59 5.04 -13.60 17.04
C LEU A 59 5.93 -13.15 15.87
N GLY A 60 6.87 -12.28 16.18
CA GLY A 60 7.82 -11.88 15.17
C GLY A 60 8.45 -13.11 14.59
N GLY A 61 9.20 -13.82 15.40
CA GLY A 61 9.92 -15.01 14.96
C GLY A 61 9.06 -16.02 14.23
N ASN A 62 7.78 -16.07 14.59
CA ASN A 62 6.86 -17.03 14.03
C ASN A 62 6.48 -16.65 12.62
N ILE A 63 6.29 -15.37 12.43
CA ILE A 63 5.98 -14.81 11.12
C ILE A 63 7.14 -15.06 10.21
N LEU A 64 8.36 -14.82 10.66
CA LEU A 64 9.53 -15.07 9.83
C LEU A 64 9.64 -16.53 9.37
N PHE A 65 9.61 -17.48 10.31
CA PHE A 65 9.56 -18.88 9.92
C PHE A 65 8.33 -19.19 9.09
N LEU A 66 7.15 -19.01 9.64
CA LEU A 66 5.91 -19.30 8.90
C LEU A 66 5.87 -18.76 7.48
N THR A 67 6.65 -17.71 7.22
CA THR A 67 6.59 -17.01 5.95
C THR A 67 7.77 -17.36 5.00
N GLY A 68 8.46 -18.47 5.26
CA GLY A 68 9.62 -18.89 4.49
C GLY A 68 10.88 -18.03 4.64
N MET A 69 10.85 -17.04 5.51
CA MET A 69 12.02 -16.19 5.65
C MET A 69 13.15 -16.94 6.36
N VAL A 70 12.86 -17.65 7.45
CA VAL A 70 13.87 -18.43 8.21
C VAL A 70 13.38 -19.80 8.62
N ASP A 71 14.32 -20.70 8.93
CA ASP A 71 13.99 -22.09 9.27
C ASP A 71 13.49 -22.19 10.70
N LYS A 72 13.32 -23.41 11.19
CA LYS A 72 12.84 -23.64 12.56
C LYS A 72 13.90 -23.29 13.58
N ARG A 73 15.09 -23.82 13.34
CA ARG A 73 16.25 -23.64 14.21
C ARG A 73 16.62 -22.16 14.41
N THR A 74 16.51 -21.38 13.34
CA THR A 74 16.71 -19.94 13.41
C THR A 74 15.58 -19.31 14.21
N MET A 75 14.33 -19.52 13.81
CA MET A 75 13.20 -19.05 14.58
C MET A 75 13.41 -19.34 16.06
N GLU A 76 13.68 -20.61 16.36
CA GLU A 76 13.89 -21.09 17.72
C GLU A 76 14.98 -20.30 18.43
N LYS A 77 15.97 -19.82 17.68
CA LYS A 77 17.01 -18.97 18.22
C LYS A 77 16.41 -17.69 18.75
N ILE A 78 15.81 -16.91 17.86
CA ILE A 78 15.22 -15.61 18.16
C ILE A 78 14.28 -15.67 19.37
N GLU A 79 13.40 -16.66 19.37
CA GLU A 79 12.51 -16.96 20.51
C GLU A 79 13.26 -16.92 21.88
N ARG A 80 14.47 -17.50 21.94
CA ARG A 80 15.29 -17.51 23.15
C ARG A 80 16.28 -16.34 23.26
N GLU A 81 16.67 -15.71 22.14
CA GLU A 81 17.56 -14.55 22.21
C GLU A 81 16.79 -13.32 22.69
N ALA A 82 15.51 -13.51 23.04
CA ALA A 82 14.72 -12.51 23.76
C ALA A 82 15.02 -12.64 25.26
N LYS A 83 16.12 -12.00 25.65
CA LYS A 83 16.67 -12.03 27.01
C LYS A 83 17.93 -11.11 27.08
N GLU A 84 17.80 -9.99 27.79
CA GLU A 84 18.92 -9.09 28.06
C GLU A 84 19.37 -9.28 29.51
N ARG A 113 18.44 -5.30 8.55
CA ARG A 113 17.13 -5.14 9.17
C ARG A 113 16.25 -6.32 8.76
N ALA A 114 15.72 -7.04 9.74
CA ALA A 114 14.90 -8.19 9.41
C ALA A 114 13.70 -7.77 8.58
N TYR A 115 13.10 -8.73 7.90
CA TYR A 115 11.87 -8.49 7.14
C TYR A 115 11.21 -9.77 6.68
N PHE A 116 9.94 -9.67 6.34
CA PHE A 116 9.19 -10.80 5.82
C PHE A 116 8.40 -10.41 4.58
N GLU A 117 7.71 -11.37 3.99
CA GLU A 117 7.00 -11.14 2.74
C GLU A 117 5.62 -11.69 2.80
N THR A 118 4.85 -11.25 1.84
CA THR A 118 3.46 -11.63 1.67
C THR A 118 3.16 -11.39 0.20
N GLU A 119 2.07 -11.94 -0.34
CA GLU A 119 1.87 -11.89 -1.80
C GLU A 119 2.24 -10.52 -2.43
N HIS A 120 1.87 -9.43 -1.79
CA HIS A 120 2.05 -8.11 -2.39
C HIS A 120 2.92 -7.14 -1.63
N ARG A 121 3.47 -7.52 -0.48
CA ARG A 121 4.23 -6.56 0.32
C ARG A 121 5.48 -7.16 0.96
N ARG A 122 6.53 -6.37 1.10
CA ARG A 122 7.64 -6.74 1.94
C ARG A 122 7.63 -5.81 3.14
N PHE A 123 7.68 -6.41 4.34
CA PHE A 123 7.54 -5.71 5.60
C PHE A 123 8.84 -5.62 6.38
N SER A 124 9.54 -4.50 6.27
CA SER A 124 10.69 -4.23 7.12
C SER A 124 10.27 -4.07 8.57
N LEU A 125 11.00 -4.64 9.53
CA LEU A 125 10.66 -4.50 10.95
C LEU A 125 11.52 -3.44 11.63
N LEU A 126 10.88 -2.46 12.26
CA LEU A 126 11.57 -1.40 12.98
C LEU A 126 11.51 -1.67 14.49
N ASP A 127 12.08 -0.78 15.27
CA ASP A 127 12.16 -0.92 16.73
C ASP A 127 11.13 -0.02 17.45
N ALA A 128 11.41 0.44 18.68
CA ALA A 128 10.41 1.17 19.47
C ALA A 128 10.89 2.40 20.30
N PRO A 129 11.81 2.21 21.26
CA PRO A 129 12.27 3.34 22.10
C PRO A 129 13.14 4.34 21.32
N GLY A 141 10.91 9.57 7.27
CA GLY A 141 10.87 8.74 6.07
C GLY A 141 10.81 7.26 6.42
N ALA A 142 11.61 6.43 5.76
CA ALA A 142 11.66 4.98 6.04
C ALA A 142 12.31 4.65 7.41
N SER A 143 12.19 5.60 8.35
CA SER A 143 12.43 5.37 9.77
C SER A 143 11.11 5.56 10.55
N GLN A 144 10.06 5.92 9.81
CA GLN A 144 8.73 6.16 10.34
C GLN A 144 7.89 4.95 9.92
N ALA A 145 7.13 4.39 10.85
CA ALA A 145 6.34 3.21 10.56
C ALA A 145 5.05 3.52 9.78
N ASP A 146 4.58 2.50 9.08
CA ASP A 146 3.35 2.53 8.30
C ASP A 146 2.29 1.69 8.94
N ILE A 147 2.72 0.83 9.87
CA ILE A 147 1.83 -0.03 10.63
C ILE A 147 2.39 -0.15 12.05
N GLY A 148 1.53 0.07 13.03
CA GLY A 148 1.87 -0.12 14.43
C GLY A 148 1.01 -1.23 15.01
N VAL A 149 1.64 -2.31 15.47
CA VAL A 149 0.92 -3.46 15.98
C VAL A 149 1.13 -3.59 17.45
N LEU A 150 0.20 -3.12 18.25
CA LEU A 150 0.26 -3.35 19.70
C LEU A 150 -0.09 -4.80 19.98
N VAL A 151 0.77 -5.49 20.74
CA VAL A 151 0.58 -6.92 21.03
C VAL A 151 0.16 -7.09 22.47
N ILE A 152 -1.01 -7.65 22.70
CA ILE A 152 -1.52 -7.83 24.04
C ILE A 152 -1.69 -9.31 24.33
N SER A 153 -1.62 -9.68 25.60
CA SER A 153 -1.80 -11.06 26.03
C SER A 153 -3.13 -11.21 26.71
N ALA A 154 -3.84 -12.27 26.34
CA ALA A 154 -5.18 -12.52 26.82
C ALA A 154 -5.11 -13.37 28.08
N ARG A 155 -3.99 -14.05 28.29
CA ARG A 155 -3.85 -14.87 29.48
C ARG A 155 -4.29 -14.09 30.70
N ARG A 156 -5.11 -14.70 31.55
CA ARG A 156 -5.55 -14.03 32.78
C ARG A 156 -4.32 -13.72 33.61
N GLY A 157 -4.32 -12.56 34.26
CA GLY A 157 -3.14 -12.11 34.95
C GLY A 157 -2.37 -11.11 34.12
N GLU A 158 -1.70 -11.57 33.06
CA GLU A 158 -0.91 -10.69 32.19
C GLU A 158 -1.76 -9.56 31.58
N PHE A 159 -2.88 -9.94 30.98
CA PHE A 159 -3.79 -8.98 30.37
C PHE A 159 -4.08 -7.88 31.37
N GLU A 160 -4.80 -8.28 32.43
CA GLU A 160 -5.27 -7.39 33.48
C GLU A 160 -4.12 -6.63 34.11
N ALA A 161 -2.96 -7.28 34.18
CA ALA A 161 -1.78 -6.74 34.81
C ALA A 161 -1.41 -5.43 34.16
N GLY A 162 -1.17 -5.48 32.85
CA GLY A 162 -0.78 -4.31 32.09
C GLY A 162 -1.71 -3.12 32.19
N PHE A 163 -2.94 -3.29 32.63
CA PHE A 163 -3.87 -2.17 32.74
C PHE A 163 -3.84 -1.46 34.09
N GLU A 164 -3.01 -1.95 35.01
CA GLU A 164 -3.02 -1.50 36.42
C GLU A 164 -2.02 -0.37 36.65
N ARG A 165 -0.91 -0.64 37.35
CA ARG A 165 0.06 0.42 37.70
C ARG A 165 1.39 0.24 36.98
N GLY A 166 2.06 -0.90 37.23
CA GLY A 166 3.28 -1.24 36.52
C GLY A 166 3.04 -1.40 35.02
N GLY A 167 1.77 -1.36 34.62
CA GLY A 167 1.35 -1.55 33.25
C GLY A 167 1.84 -0.54 32.22
N GLN A 168 2.57 -1.06 31.24
CA GLN A 168 3.06 -0.24 30.14
C GLN A 168 1.96 -0.08 29.09
N THR A 169 0.89 -0.85 29.17
CA THR A 169 -0.18 -0.75 28.17
C THR A 169 -0.59 0.72 27.94
N ARG A 170 -0.67 1.54 28.97
CA ARG A 170 -0.97 2.95 28.76
C ARG A 170 0.20 3.65 28.11
N GLU A 171 1.40 3.29 28.52
CA GLU A 171 2.64 3.84 27.96
C GLU A 171 2.81 3.47 26.50
N HIS A 172 2.45 2.24 26.15
CA HIS A 172 2.53 1.72 24.79
C HIS A 172 1.56 2.43 23.88
N ALA A 173 0.32 2.58 24.32
CA ALA A 173 -0.68 3.28 23.54
C ALA A 173 -0.19 4.68 23.19
N VAL A 174 0.32 5.38 24.20
CA VAL A 174 0.99 6.68 24.05
C VAL A 174 2.22 6.55 23.14
N LEU A 175 3.03 5.50 23.33
CA LEU A 175 4.15 5.20 22.45
C LEU A 175 3.73 5.14 20.99
N ALA A 176 2.57 4.53 20.70
CA ALA A 176 2.01 4.47 19.34
C ALA A 176 1.77 5.89 18.82
N ARG A 177 0.89 6.63 19.50
CA ARG A 177 0.70 8.05 19.21
C ARG A 177 2.01 8.85 19.09
N THR A 178 3.03 8.48 19.83
CA THR A 178 4.30 9.16 19.76
C THR A 178 4.94 8.93 18.38
N GLN A 179 4.64 7.80 17.75
CA GLN A 179 5.24 7.44 16.46
C GLN A 179 4.31 7.56 15.24
N GLY A 180 3.24 8.33 15.38
CA GLY A 180 2.36 8.60 14.24
C GLY A 180 1.42 7.49 13.83
N ILE A 181 1.24 6.49 14.70
CA ILE A 181 0.25 5.46 14.47
C ILE A 181 -1.12 6.03 14.81
N ASN A 182 -1.90 6.34 13.78
CA ASN A 182 -3.27 6.77 13.93
C ASN A 182 -4.22 5.67 13.45
N HIS A 183 -3.65 4.50 13.15
CA HIS A 183 -4.45 3.30 12.93
C HIS A 183 -3.72 2.08 13.53
N LEU A 184 -3.96 1.87 14.81
CA LEU A 184 -3.33 0.82 15.60
C LEU A 184 -3.95 -0.56 15.36
N VAL A 185 -3.13 -1.49 14.90
CA VAL A 185 -3.52 -2.88 14.75
C VAL A 185 -3.24 -3.46 16.12
N VAL A 186 -4.26 -4.06 16.74
CA VAL A 186 -4.08 -4.68 18.03
C VAL A 186 -4.27 -6.15 17.84
N VAL A 187 -3.25 -6.90 18.24
CA VAL A 187 -3.21 -8.36 18.11
C VAL A 187 -3.38 -8.87 19.53
N ILE A 188 -4.47 -9.59 19.79
CA ILE A 188 -4.67 -10.15 21.13
C ILE A 188 -4.13 -11.56 21.08
N ASN A 189 -2.91 -11.73 21.56
CA ASN A 189 -2.20 -12.99 21.51
C ASN A 189 -2.62 -14.00 22.61
N LYS A 190 -2.12 -15.23 22.48
CA LYS A 190 -2.25 -16.28 23.50
C LYS A 190 -3.68 -16.78 23.68
N MET A 191 -4.33 -17.09 22.57
CA MET A 191 -5.70 -17.58 22.58
C MET A 191 -5.75 -19.12 22.73
N ASP A 192 -4.58 -19.74 22.78
CA ASP A 192 -4.47 -21.18 22.98
C ASP A 192 -4.37 -21.49 24.47
N GLU A 193 -3.81 -20.55 25.24
CA GLU A 193 -3.58 -20.71 26.68
C GLU A 193 -4.74 -21.40 27.36
N PRO A 194 -4.45 -22.31 28.31
CA PRO A 194 -5.48 -22.92 29.15
C PRO A 194 -6.44 -21.91 29.77
N SER A 195 -5.92 -20.75 30.20
CA SER A 195 -6.74 -19.70 30.80
C SER A 195 -7.52 -18.88 29.78
N VAL A 196 -7.47 -19.31 28.53
CA VAL A 196 -8.12 -18.60 27.41
C VAL A 196 -9.00 -19.53 26.56
N GLN A 197 -8.46 -20.67 26.13
CA GLN A 197 -9.19 -21.74 25.45
C GLN A 197 -9.91 -21.26 24.19
N TRP A 198 -9.52 -20.11 23.65
CA TRP A 198 -10.25 -19.47 22.54
C TRP A 198 -11.66 -19.12 22.96
N SER A 199 -11.82 -18.61 24.16
CA SER A 199 -13.15 -18.24 24.66
C SER A 199 -13.60 -16.98 23.94
N GLU A 200 -14.70 -17.07 23.22
CA GLU A 200 -15.29 -15.91 22.54
C GLU A 200 -15.55 -14.73 23.48
N GLU A 201 -15.63 -15.01 24.78
CA GLU A 201 -16.01 -14.00 25.75
C GLU A 201 -14.78 -13.36 26.34
N ARG A 202 -13.77 -14.18 26.64
CA ARG A 202 -12.50 -13.68 27.14
C ARG A 202 -11.86 -12.75 26.12
N TYR A 203 -11.98 -13.14 24.85
CA TYR A 203 -11.51 -12.34 23.74
C TYR A 203 -12.31 -11.05 23.69
N LYS A 204 -13.62 -11.18 23.59
CA LYS A 204 -14.53 -10.04 23.52
C LYS A 204 -14.54 -9.18 24.79
N GLU A 205 -13.98 -9.71 25.87
CA GLU A 205 -13.87 -9.00 27.14
C GLU A 205 -12.66 -8.10 27.04
N CYS A 206 -11.58 -8.64 26.44
CA CYS A 206 -10.31 -7.93 26.28
C CYS A 206 -10.42 -6.79 25.31
N VAL A 207 -11.05 -7.05 24.17
CA VAL A 207 -11.27 -6.03 23.16
C VAL A 207 -11.97 -4.83 23.76
N ASP A 208 -13.11 -5.06 24.42
CA ASP A 208 -13.88 -4.01 25.11
C ASP A 208 -12.95 -3.27 26.05
N LYS A 209 -12.30 -4.00 26.91
CA LYS A 209 -11.48 -3.36 27.92
C LYS A 209 -10.46 -2.48 27.23
N LEU A 210 -9.80 -3.02 26.22
CA LEU A 210 -8.76 -2.31 25.51
C LEU A 210 -9.40 -1.14 24.84
N SER A 211 -10.53 -1.38 24.21
CA SER A 211 -11.25 -0.35 23.47
C SER A 211 -11.57 0.87 24.34
N MET A 212 -12.37 0.69 25.40
CA MET A 212 -12.64 1.80 26.30
C MET A 212 -11.32 2.52 26.60
N PHE A 213 -10.33 1.71 27.00
CA PHE A 213 -9.04 2.15 27.51
C PHE A 213 -8.30 3.09 26.58
N LEU A 214 -8.11 2.63 25.35
CA LEU A 214 -7.30 3.32 24.35
C LEU A 214 -7.87 4.70 24.01
N ARG A 215 -9.19 4.78 23.83
CA ARG A 215 -9.85 6.06 23.61
C ARG A 215 -9.54 7.06 24.71
N ARG A 216 -9.42 6.56 25.93
CA ARG A 216 -9.21 7.40 27.12
C ARG A 216 -7.78 7.89 27.21
N VAL A 217 -6.85 6.95 27.24
CA VAL A 217 -5.44 7.28 27.46
C VAL A 217 -4.72 7.83 26.23
N ALA A 218 -5.24 7.56 25.02
CA ALA A 218 -4.54 7.92 23.78
C ALA A 218 -5.43 8.36 22.62
N GLY A 219 -6.73 8.50 22.87
CA GLY A 219 -7.63 9.05 21.87
C GLY A 219 -8.09 8.12 20.78
N TYR A 220 -7.66 6.86 20.80
CA TYR A 220 -8.03 5.94 19.74
C TYR A 220 -9.53 5.64 19.78
N ASN A 221 -10.25 6.02 18.74
CA ASN A 221 -11.66 5.64 18.58
C ASN A 221 -11.70 4.28 17.87
N SER A 222 -12.14 3.24 18.57
CA SER A 222 -11.90 1.86 18.14
C SER A 222 -12.76 1.37 16.98
N LYS A 223 -13.78 2.13 16.61
CA LYS A 223 -14.57 1.72 15.45
C LYS A 223 -13.88 2.06 14.15
N THR A 224 -12.97 3.04 14.17
CA THR A 224 -12.24 3.48 12.96
C THR A 224 -10.77 3.89 13.21
N ASP A 225 -10.12 3.26 14.17
CA ASP A 225 -8.71 3.59 14.44
C ASP A 225 -7.93 2.41 14.96
N VAL A 226 -8.57 1.26 15.10
CA VAL A 226 -7.94 0.13 15.73
C VAL A 226 -8.55 -1.13 15.22
N LYS A 227 -7.71 -2.05 14.75
CA LYS A 227 -8.17 -3.36 14.25
C LYS A 227 -7.87 -4.42 15.31
N TYR A 228 -8.87 -5.17 15.72
CA TYR A 228 -8.68 -6.18 16.77
C TYR A 228 -8.62 -7.50 16.08
N MET A 229 -7.78 -8.41 16.57
CA MET A 229 -7.64 -9.71 15.93
C MET A 229 -7.02 -10.73 16.84
N PRO A 230 -7.71 -11.84 17.08
CA PRO A 230 -7.19 -12.88 17.96
C PRO A 230 -6.18 -13.78 17.23
N VAL A 231 -5.07 -14.12 17.88
CA VAL A 231 -4.03 -14.94 17.27
C VAL A 231 -3.27 -15.77 18.31
N SER A 232 -2.43 -16.68 17.83
CA SER A 232 -1.60 -17.51 18.70
C SER A 232 -0.20 -17.64 18.13
N ALA A 233 0.70 -16.81 18.62
CA ALA A 233 2.05 -16.74 18.08
C ALA A 233 2.82 -18.06 18.27
N TYR A 234 2.56 -18.77 19.37
CA TYR A 234 3.30 -20.00 19.70
C TYR A 234 2.90 -21.13 18.76
N THR A 235 1.60 -21.37 18.68
CA THR A 235 1.03 -22.42 17.85
C THR A 235 0.88 -22.01 16.36
N GLY A 236 1.07 -20.72 16.06
CA GLY A 236 0.89 -20.18 14.71
C GLY A 236 -0.55 -20.09 14.21
N GLN A 237 -1.51 -20.10 15.12
CA GLN A 237 -2.89 -20.18 14.70
C GLN A 237 -3.48 -18.79 14.50
N ASN A 238 -3.80 -18.52 13.24
CA ASN A 238 -4.38 -17.26 12.75
C ASN A 238 -3.34 -16.27 12.32
N VAL A 239 -2.06 -16.63 12.36
CA VAL A 239 -1.05 -15.70 11.92
C VAL A 239 -0.94 -15.73 10.38
N LYS A 240 -0.78 -16.91 9.77
CA LYS A 240 -0.79 -17.01 8.32
C LYS A 240 -2.13 -17.48 7.74
N ASP A 241 -2.64 -18.61 8.22
CA ASP A 241 -3.95 -19.09 7.75
C ASP A 241 -5.00 -18.88 8.85
N ARG A 242 -6.15 -18.36 8.47
CA ARG A 242 -7.18 -18.12 9.46
C ARG A 242 -7.39 -19.41 10.22
N VAL A 243 -7.43 -19.33 11.54
CA VAL A 243 -7.70 -20.49 12.38
C VAL A 243 -8.81 -21.29 11.76
N ASP A 244 -8.67 -22.60 11.77
CA ASP A 244 -9.66 -23.48 11.18
C ASP A 244 -10.87 -23.57 12.13
N SER A 245 -12.08 -23.50 11.59
CA SER A 245 -13.32 -23.44 12.38
C SER A 245 -13.39 -24.44 13.54
N SER A 246 -12.74 -25.59 13.36
CA SER A 246 -12.59 -26.60 14.41
C SER A 246 -12.14 -26.01 15.75
N VAL A 247 -11.02 -25.27 15.73
CA VAL A 247 -10.41 -24.71 16.94
C VAL A 247 -11.17 -23.51 17.47
N CYS A 248 -11.52 -22.63 16.55
CA CYS A 248 -12.36 -21.46 16.86
C CYS A 248 -13.42 -21.28 15.78
N PRO A 249 -14.67 -21.66 16.08
CA PRO A 249 -15.78 -21.48 15.15
C PRO A 249 -16.24 -20.05 14.93
N TRP A 250 -16.08 -19.16 15.91
CA TRP A 250 -16.70 -17.83 15.86
C TRP A 250 -16.01 -16.78 14.99
N TYR A 251 -14.69 -16.71 15.09
CA TYR A 251 -13.92 -15.73 14.32
C TYR A 251 -14.24 -15.89 12.85
N GLN A 252 -14.39 -14.77 12.16
CA GLN A 252 -14.78 -14.80 10.75
C GLN A 252 -13.88 -13.98 9.83
N GLY A 253 -13.05 -13.13 10.40
CA GLY A 253 -12.11 -12.35 9.60
C GLY A 253 -10.97 -13.15 8.98
N PRO A 254 -9.93 -12.43 8.59
CA PRO A 254 -8.73 -13.02 8.01
C PRO A 254 -7.60 -13.26 8.99
N SER A 255 -6.59 -14.01 8.55
CA SER A 255 -5.39 -14.21 9.34
C SER A 255 -4.75 -12.84 9.58
N LEU A 256 -3.65 -12.82 10.33
CA LEU A 256 -2.99 -11.57 10.63
C LEU A 256 -2.27 -11.10 9.35
N LEU A 257 -1.64 -12.03 8.67
CA LEU A 257 -0.90 -11.69 7.47
C LEU A 257 -1.86 -11.36 6.31
N GLU A 258 -2.98 -12.06 6.22
CA GLU A 258 -4.01 -11.71 5.22
C GLU A 258 -4.31 -10.22 5.35
N TYR A 259 -4.61 -9.79 6.57
CA TYR A 259 -5.00 -8.41 6.83
C TYR A 259 -3.85 -7.49 6.48
N LEU A 260 -2.70 -7.74 7.05
CA LEU A 260 -1.49 -6.95 6.82
C LEU A 260 -1.14 -6.85 5.35
N ASP A 261 -1.50 -7.84 4.56
CA ASP A 261 -1.08 -7.89 3.17
C ASP A 261 -2.01 -7.10 2.25
N SER A 262 -3.03 -6.48 2.81
CA SER A 262 -3.99 -5.81 1.98
C SER A 262 -4.67 -4.57 2.55
N MET A 263 -4.39 -4.17 3.80
CA MET A 263 -5.09 -2.98 4.28
C MET A 263 -4.48 -1.72 3.75
N THR A 264 -5.37 -0.78 3.45
CA THR A 264 -5.01 0.47 2.79
C THR A 264 -4.28 1.47 3.69
N HIS A 265 -4.73 1.63 4.94
CA HIS A 265 -4.19 2.65 5.81
C HIS A 265 -2.75 2.38 6.19
N LEU A 266 -1.83 2.82 5.35
CA LEU A 266 -0.39 2.76 5.66
C LEU A 266 0.06 4.20 5.86
N GLU A 267 0.53 4.52 7.07
CA GLU A 267 0.74 5.92 7.48
C GLU A 267 1.52 6.73 6.46
N ARG A 268 2.70 6.29 6.11
CA ARG A 268 3.52 7.01 5.15
C ARG A 268 2.68 7.43 3.97
N LYS A 269 1.91 6.48 3.44
CA LYS A 269 1.09 6.72 2.26
C LYS A 269 -0.09 7.66 2.56
N VAL A 270 -0.79 7.43 3.67
CA VAL A 270 -1.89 8.30 4.17
C VAL A 270 -1.45 9.75 4.43
N ASN A 271 -0.17 9.94 4.75
CA ASN A 271 0.39 11.26 5.02
C ASN A 271 0.98 11.94 3.80
N ALA A 272 1.34 11.16 2.78
CA ALA A 272 1.92 11.72 1.57
C ALA A 272 0.95 12.72 0.96
N PRO A 273 1.42 13.53 0.04
CA PRO A 273 0.53 14.45 -0.70
C PRO A 273 -0.57 13.73 -1.49
N PHE A 274 -1.76 14.34 -1.49
CA PHE A 274 -2.95 13.71 -2.07
C PHE A 274 -2.73 13.51 -3.55
N ILE A 275 -3.16 12.37 -4.06
CA ILE A 275 -3.00 12.01 -5.47
C ILE A 275 -4.11 11.07 -5.85
N MET A 276 -5.03 11.51 -6.68
CA MET A 276 -6.12 10.69 -7.18
C MET A 276 -6.20 10.92 -8.66
N PRO A 277 -5.69 9.97 -9.44
CA PRO A 277 -5.94 9.88 -10.88
C PRO A 277 -7.41 9.87 -11.23
N ILE A 278 -7.85 10.94 -11.89
CA ILE A 278 -9.17 11.05 -12.48
C ILE A 278 -9.45 9.82 -13.33
N ALA A 279 -10.65 9.29 -13.19
CA ALA A 279 -11.03 8.08 -13.89
C ALA A 279 -12.39 8.19 -14.61
N SER A 280 -13.12 9.29 -14.41
CA SER A 280 -14.41 9.47 -15.08
C SER A 280 -14.93 10.90 -14.98
N LYS A 281 -15.49 11.39 -16.08
CA LYS A 281 -16.00 12.75 -16.17
C LYS A 281 -17.54 12.84 -16.03
N TYR A 282 -18.22 11.71 -15.84
CA TYR A 282 -19.69 11.69 -15.86
C TYR A 282 -20.36 12.73 -14.94
N LYS A 283 -21.52 13.23 -15.38
CA LYS A 283 -22.21 14.35 -14.72
C LYS A 283 -23.22 13.89 -13.66
N ASP A 284 -23.72 14.84 -12.88
CA ASP A 284 -24.71 14.57 -11.84
C ASP A 284 -25.35 15.91 -11.44
N LEU A 285 -25.16 16.37 -10.20
CA LEU A 285 -25.49 17.75 -9.82
C LEU A 285 -24.70 18.72 -10.69
N GLY A 286 -23.47 18.33 -10.99
CA GLY A 286 -22.61 19.09 -11.88
C GLY A 286 -21.49 18.18 -12.32
N THR A 287 -20.24 18.55 -11.99
CA THR A 287 -19.06 17.77 -12.35
C THR A 287 -18.64 16.78 -11.26
N ILE A 288 -18.39 15.55 -11.68
CA ILE A 288 -17.94 14.47 -10.79
C ILE A 288 -16.59 13.99 -11.30
N LEU A 289 -15.84 13.30 -10.43
CA LEU A 289 -14.55 12.72 -10.77
C LEU A 289 -14.27 11.48 -9.91
N GLU A 290 -14.47 10.28 -10.48
CA GLU A 290 -14.17 9.02 -9.79
C GLU A 290 -12.67 8.74 -9.86
N GLY A 291 -12.17 7.86 -8.98
CA GLY A 291 -10.76 7.51 -8.95
C GLY A 291 -10.34 6.86 -7.64
N LYS A 292 -9.38 5.93 -7.72
CA LYS A 292 -8.78 5.35 -6.54
C LYS A 292 -7.68 6.25 -6.03
N ILE A 293 -7.90 6.90 -4.89
CA ILE A 293 -6.86 7.73 -4.29
C ILE A 293 -5.61 6.86 -4.08
N GLU A 294 -4.45 7.31 -4.52
CA GLU A 294 -3.21 6.53 -4.42
C GLU A 294 -2.30 7.04 -3.32
N ALA A 295 -2.60 8.24 -2.83
CA ALA A 295 -1.78 8.83 -1.80
C ALA A 295 -2.53 9.88 -1.04
N GLY A 296 -2.13 10.08 0.20
CA GLY A 296 -2.71 11.13 0.99
C GLY A 296 -4.20 10.99 1.24
N SER A 297 -4.80 12.14 1.54
CA SER A 297 -6.18 12.18 1.97
C SER A 297 -6.83 13.39 1.37
N ILE A 298 -8.15 13.32 1.30
CA ILE A 298 -8.96 14.40 0.78
C ILE A 298 -10.11 14.57 1.73
N LYS A 299 -10.60 15.80 1.86
CA LYS A 299 -11.58 16.15 2.88
C LYS A 299 -12.87 16.77 2.29
N LYS A 300 -13.48 17.69 3.02
CA LYS A 300 -14.54 18.53 2.50
C LYS A 300 -14.00 19.96 2.39
N ASN A 301 -14.57 20.75 1.48
CA ASN A 301 -14.13 22.14 1.29
C ASN A 301 -12.63 22.26 1.15
N SER A 302 -12.00 21.30 0.46
CA SER A 302 -10.54 21.24 0.29
C SER A 302 -10.13 21.70 -1.11
N ASN A 303 -9.12 22.56 -1.21
CA ASN A 303 -8.62 22.97 -2.52
C ASN A 303 -7.68 21.92 -3.06
N VAL A 304 -7.81 21.61 -4.34
CA VAL A 304 -7.01 20.59 -4.97
C VAL A 304 -6.55 21.06 -6.33
N LEU A 305 -5.34 20.63 -6.72
CA LEU A 305 -4.81 20.89 -8.07
C LEU A 305 -5.18 19.86 -9.13
N VAL A 306 -5.23 20.30 -10.37
CA VAL A 306 -5.35 19.39 -11.50
C VAL A 306 -4.10 19.53 -12.36
N MET A 307 -3.31 18.47 -12.44
CA MET A 307 -2.10 18.48 -13.23
C MET A 307 -2.38 17.64 -14.46
N PRO A 308 -1.68 17.93 -15.55
CA PRO A 308 -0.59 18.92 -15.61
C PRO A 308 -1.01 20.39 -15.83
N ILE A 309 -2.31 20.67 -15.86
CA ILE A 309 -2.83 22.01 -16.17
C ILE A 309 -2.78 23.05 -15.03
N ASN A 310 -1.99 22.81 -14.00
CA ASN A 310 -1.77 23.76 -12.92
C ASN A 310 -2.99 24.60 -12.56
N GLN A 311 -4.16 23.99 -12.58
CA GLN A 311 -5.42 24.68 -12.32
C GLN A 311 -5.95 24.32 -10.92
N THR A 312 -6.10 25.33 -10.07
CA THR A 312 -6.64 25.17 -8.71
C THR A 312 -8.13 24.93 -8.78
N LEU A 313 -8.67 24.21 -7.80
CA LEU A 313 -10.06 23.77 -7.87
C LEU A 313 -10.56 23.16 -6.55
N GLU A 314 -11.64 23.71 -5.99
CA GLU A 314 -12.13 23.38 -4.65
C GLU A 314 -13.10 22.22 -4.64
N VAL A 315 -12.93 21.32 -3.67
CA VAL A 315 -13.81 20.16 -3.49
C VAL A 315 -15.02 20.52 -2.61
N THR A 316 -16.14 19.86 -2.88
CA THR A 316 -17.44 20.20 -2.29
C THR A 316 -18.23 19.00 -1.70
N ALA A 317 -17.99 17.79 -2.19
CA ALA A 317 -18.72 16.63 -1.69
C ALA A 317 -18.04 15.32 -2.07
N ILE A 318 -17.91 14.39 -1.12
CA ILE A 318 -17.31 13.09 -1.40
C ILE A 318 -18.35 11.99 -1.32
N TYR A 319 -18.30 11.06 -2.27
CA TYR A 319 -19.21 9.92 -2.31
C TYR A 319 -18.41 8.63 -2.46
N ASP A 320 -18.86 7.56 -1.82
CA ASP A 320 -18.10 6.31 -1.82
C ASP A 320 -18.66 5.31 -2.85
N GLU A 321 -18.49 4.01 -2.61
CA GLU A 321 -19.09 2.95 -3.45
C GLU A 321 -20.49 2.56 -2.96
N ALA A 322 -21.16 3.50 -2.30
CA ALA A 322 -22.52 3.33 -1.81
C ALA A 322 -23.20 4.70 -1.84
N ASP A 323 -22.89 5.47 -2.88
CA ASP A 323 -23.30 6.87 -3.02
C ASP A 323 -23.78 7.51 -1.70
N GLU A 324 -22.91 7.54 -0.69
CA GLU A 324 -23.25 8.11 0.62
C GLU A 324 -22.20 9.14 1.03
N GLU A 325 -22.65 10.38 1.27
CA GLU A 325 -21.75 11.50 1.56
C GLU A 325 -20.90 11.28 2.80
N ILE A 326 -19.59 11.11 2.58
CA ILE A 326 -18.60 11.00 3.65
C ILE A 326 -17.80 12.30 3.74
N SER A 327 -17.40 12.65 4.96
CA SER A 327 -16.68 13.89 5.22
C SER A 327 -15.26 13.86 4.66
N SER A 328 -14.64 12.69 4.70
CA SER A 328 -13.25 12.53 4.24
C SER A 328 -13.03 11.20 3.52
N SER A 329 -11.79 10.96 3.10
CA SER A 329 -11.41 9.66 2.54
C SER A 329 -9.91 9.61 2.38
N ILE A 330 -9.33 8.42 2.53
CA ILE A 330 -7.86 8.27 2.49
C ILE A 330 -7.45 7.56 1.21
N CYS A 331 -6.16 7.28 1.07
CA CYS A 331 -5.67 6.50 -0.06
C CYS A 331 -6.12 5.07 0.03
N GLY A 332 -6.07 4.38 -1.10
CA GLY A 332 -6.57 3.03 -1.19
C GLY A 332 -8.07 3.00 -1.43
N ASP A 333 -8.77 4.01 -0.94
CA ASP A 333 -10.22 4.12 -1.14
C ASP A 333 -10.48 4.34 -2.61
N GLN A 334 -11.69 4.03 -3.04
CA GLN A 334 -12.13 4.19 -4.42
C GLN A 334 -13.26 5.20 -4.43
N VAL A 335 -12.91 6.49 -4.40
CA VAL A 335 -13.90 7.57 -4.25
C VAL A 335 -14.62 8.00 -5.55
N ARG A 336 -15.55 8.95 -5.41
CA ARG A 336 -16.31 9.53 -6.51
C ARG A 336 -16.53 11.01 -6.18
N LEU A 337 -15.39 11.70 -6.05
CA LEU A 337 -15.33 13.11 -5.70
C LEU A 337 -16.21 14.00 -6.56
N ARG A 338 -16.73 15.07 -5.97
CA ARG A 338 -17.55 16.07 -6.70
C ARG A 338 -16.99 17.44 -6.45
N VAL A 339 -16.66 18.13 -7.53
CA VAL A 339 -15.84 19.32 -7.47
C VAL A 339 -16.48 20.52 -8.14
N ARG A 340 -15.98 21.69 -7.79
CA ARG A 340 -16.55 22.97 -8.20
C ARG A 340 -15.47 23.96 -8.68
N GLY A 341 -15.63 24.43 -9.92
CA GLY A 341 -14.73 25.44 -10.50
C GLY A 341 -14.56 25.30 -12.00
N ASP A 342 -13.66 26.12 -12.56
CA ASP A 342 -13.37 26.07 -14.00
C ASP A 342 -12.78 24.72 -14.42
N ASP A 343 -13.68 23.79 -14.71
CA ASP A 343 -13.30 22.44 -15.09
C ASP A 343 -13.50 22.26 -16.58
N SER A 344 -13.28 23.34 -17.32
CA SER A 344 -13.42 23.39 -18.77
C SER A 344 -12.22 22.73 -19.49
N ASP A 345 -11.27 22.25 -18.70
CA ASP A 345 -10.07 21.60 -19.22
C ASP A 345 -9.77 20.32 -18.46
N VAL A 346 -10.78 19.75 -17.79
CA VAL A 346 -10.58 18.58 -16.96
C VAL A 346 -10.94 17.30 -17.72
N GLN A 347 -9.94 16.43 -17.93
CA GLN A 347 -10.14 15.19 -18.65
C GLN A 347 -9.60 13.98 -17.90
N THR A 348 -10.14 12.79 -18.18
CA THR A 348 -9.68 11.57 -17.54
C THR A 348 -8.24 11.31 -17.96
N GLY A 349 -7.41 10.84 -17.02
CA GLY A 349 -5.97 10.70 -17.21
C GLY A 349 -5.17 11.75 -16.46
N TYR A 350 -5.78 12.91 -16.29
CA TYR A 350 -5.23 13.96 -15.44
C TYR A 350 -5.32 13.50 -13.99
N VAL A 351 -4.67 14.24 -13.09
CA VAL A 351 -4.55 13.83 -11.69
C VAL A 351 -4.94 14.94 -10.71
N LEU A 352 -5.78 14.59 -9.75
CA LEU A 352 -6.04 15.48 -8.64
C LEU A 352 -4.91 15.38 -7.61
N THR A 353 -4.50 16.51 -7.05
CA THR A 353 -3.38 16.47 -6.15
C THR A 353 -3.29 17.69 -5.22
N SER A 354 -2.40 17.57 -4.24
CA SER A 354 -2.12 18.60 -3.25
C SER A 354 -1.59 19.91 -3.83
N THR A 355 -2.17 21.04 -3.42
CA THR A 355 -1.74 22.36 -3.92
C THR A 355 -0.29 22.67 -3.53
N LYS A 356 0.16 22.13 -2.41
CA LYS A 356 1.52 22.36 -1.95
C LYS A 356 2.53 21.42 -2.60
N ASN A 357 2.34 20.11 -2.48
CA ASN A 357 3.26 19.15 -3.12
C ASN A 357 2.56 18.32 -4.17
N PRO A 358 2.33 18.87 -5.34
CA PRO A 358 1.58 18.14 -6.37
C PRO A 358 2.37 16.98 -7.02
N VAL A 359 1.62 16.04 -7.57
CA VAL A 359 2.17 14.93 -8.31
C VAL A 359 3.00 15.50 -9.44
N HIS A 360 4.02 14.77 -9.85
CA HIS A 360 4.86 15.23 -10.94
C HIS A 360 4.18 15.06 -12.30
N ALA A 361 4.71 15.77 -13.28
CA ALA A 361 4.27 15.65 -14.68
C ALA A 361 5.36 16.21 -15.61
N THR A 362 5.85 15.32 -16.48
CA THR A 362 6.95 15.60 -17.39
C THR A 362 6.56 15.16 -18.79
N THR A 363 7.48 15.29 -19.75
CA THR A 363 7.35 14.70 -21.11
C THR A 363 8.60 13.91 -21.51
N ARG A 364 9.60 13.89 -20.64
CA ARG A 364 10.82 13.15 -20.87
C ARG A 364 11.11 12.40 -19.57
N PHE A 365 11.52 11.13 -19.65
CA PHE A 365 11.78 10.31 -18.45
C PHE A 365 12.37 8.94 -18.78
N ILE A 366 13.11 8.36 -17.86
CA ILE A 366 13.65 7.01 -18.03
C ILE A 366 12.56 5.99 -17.73
N ALA A 367 12.74 4.76 -18.18
CA ALA A 367 11.86 3.66 -17.80
C ALA A 367 12.34 2.29 -18.30
N GLN A 368 12.17 1.26 -17.47
CA GLN A 368 12.43 -0.12 -17.87
C GLN A 368 11.21 -0.66 -18.63
N ILE A 369 11.39 -1.01 -19.91
CA ILE A 369 10.33 -1.55 -20.75
C ILE A 369 10.55 -3.04 -20.95
N ALA A 370 9.47 -3.76 -21.23
CA ALA A 370 9.55 -5.17 -21.57
C ALA A 370 8.57 -5.43 -22.71
N ILE A 371 9.07 -5.98 -23.82
CA ILE A 371 8.26 -6.21 -25.02
C ILE A 371 7.39 -7.47 -24.89
N LEU A 372 6.31 -7.54 -25.67
CA LEU A 372 5.35 -8.66 -25.65
C LEU A 372 5.22 -9.37 -27.02
N GLU A 373 4.26 -8.97 -27.87
CA GLU A 373 3.93 -9.70 -29.12
C GLU A 373 5.08 -9.84 -30.17
N LEU A 374 4.82 -9.61 -31.46
CA LEU A 374 5.75 -10.00 -32.55
C LEU A 374 6.05 -8.92 -33.63
N PRO A 375 6.44 -7.70 -33.24
CA PRO A 375 6.82 -6.67 -34.22
C PRO A 375 8.23 -6.86 -34.81
N SER A 376 9.26 -6.44 -34.09
CA SER A 376 10.67 -6.34 -34.52
C SER A 376 11.15 -4.88 -34.53
N ILE A 377 10.24 -3.95 -34.27
CA ILE A 377 10.51 -2.51 -34.23
C ILE A 377 11.79 -2.17 -33.47
N LEU A 378 12.51 -1.18 -33.99
CA LEU A 378 13.83 -0.79 -33.50
C LEU A 378 13.77 0.22 -32.37
N THR A 379 14.74 1.15 -32.37
CA THR A 379 14.91 2.16 -31.34
C THR A 379 14.38 3.57 -31.72
N THR A 380 15.15 4.57 -31.32
CA THR A 380 14.88 6.02 -31.40
C THR A 380 13.82 6.54 -32.37
N GLY A 381 12.56 6.20 -32.10
CA GLY A 381 11.44 6.72 -32.86
C GLY A 381 10.22 5.81 -32.93
N TYR A 382 9.98 4.99 -31.90
CA TYR A 382 8.82 4.09 -31.90
C TYR A 382 7.62 4.83 -31.33
N SER A 383 6.47 4.76 -32.03
CA SER A 383 5.22 5.44 -31.63
C SER A 383 4.08 4.49 -31.21
N CYS A 384 3.62 4.61 -29.97
CA CYS A 384 2.63 3.70 -29.37
C CYS A 384 1.71 4.45 -28.41
N VAL A 385 0.88 3.72 -27.67
CA VAL A 385 0.04 4.31 -26.63
C VAL A 385 0.61 3.96 -25.24
N MET A 386 0.69 4.93 -24.34
CA MET A 386 1.07 4.66 -22.96
C MET A 386 -0.20 4.72 -22.14
N HIS A 387 -0.25 3.89 -21.11
CA HIS A 387 -1.27 3.95 -20.06
C HIS A 387 -0.49 3.79 -18.78
N ILE A 388 -0.45 4.83 -17.93
CA ILE A 388 0.34 4.73 -16.69
C ILE A 388 -0.63 4.45 -15.55
N HIS A 389 -1.63 5.31 -15.44
CA HIS A 389 -2.65 5.12 -14.43
C HIS A 389 -3.94 5.12 -15.23
N THR A 390 -4.54 6.28 -15.43
CA THR A 390 -5.73 6.40 -16.24
C THR A 390 -5.42 7.35 -17.39
N ALA A 391 -4.12 7.42 -17.72
CA ALA A 391 -3.58 8.49 -18.56
C ALA A 391 -4.00 8.42 -20.03
N VAL A 392 -3.39 7.52 -20.81
CA VAL A 392 -3.63 7.46 -22.27
C VAL A 392 -2.97 8.61 -23.02
N GLU A 393 -1.64 8.54 -23.17
CA GLU A 393 -0.95 9.52 -23.98
C GLU A 393 0.14 8.93 -24.87
N GLU A 394 0.32 9.59 -26.01
CA GLU A 394 1.40 9.35 -26.98
C GLU A 394 2.79 9.32 -26.36
N VAL A 395 3.60 8.34 -26.74
CA VAL A 395 4.93 8.19 -26.16
C VAL A 395 5.91 7.63 -27.18
N SER A 396 6.93 8.42 -27.49
CA SER A 396 7.90 8.08 -28.52
C SER A 396 9.23 7.64 -27.91
N PHE A 397 9.65 6.42 -28.21
CA PHE A 397 10.97 5.92 -27.79
C PHE A 397 12.07 6.80 -28.33
N ALA A 398 12.87 7.36 -27.43
CA ALA A 398 13.96 8.27 -27.79
C ALA A 398 15.30 7.69 -27.33
N LYS A 399 16.33 8.53 -27.35
CA LYS A 399 17.67 8.18 -26.86
C LYS A 399 17.70 7.06 -25.83
N LEU A 400 17.81 5.83 -26.33
CA LEU A 400 17.82 4.59 -25.51
C LEU A 400 19.01 4.50 -24.52
N LEU A 401 19.18 3.37 -23.84
CA LEU A 401 20.35 3.22 -22.97
C LEU A 401 20.84 1.78 -22.67
N HIS A 402 19.97 0.90 -22.19
CA HIS A 402 20.42 -0.45 -21.78
C HIS A 402 19.43 -1.57 -22.08
N LYS A 403 19.84 -2.77 -21.72
CA LYS A 403 19.06 -3.99 -21.88
C LYS A 403 18.86 -4.60 -20.50
N LEU A 404 18.30 -5.81 -20.44
CA LEU A 404 18.20 -6.58 -19.20
C LEU A 404 18.21 -8.08 -19.49
N ASP A 405 18.75 -8.87 -18.57
CA ASP A 405 18.87 -10.33 -18.75
C ASP A 405 18.83 -11.12 -17.43
N LYS A 406 17.68 -11.77 -17.19
CA LYS A 406 17.45 -12.69 -16.05
C LYS A 406 17.64 -12.10 -14.65
N THR A 407 18.90 -11.85 -14.28
CA THR A 407 19.25 -11.28 -12.97
C THR A 407 19.12 -9.74 -12.91
N ASN A 408 18.11 -9.18 -13.59
CA ASN A 408 17.90 -7.73 -13.68
C ASN A 408 19.22 -7.00 -13.88
N ARG A 409 19.99 -7.46 -14.86
CA ARG A 409 21.34 -6.97 -15.11
C ARG A 409 21.31 -5.54 -15.66
N LYS A 410 21.54 -5.40 -16.96
CA LYS A 410 21.68 -4.10 -17.61
C LYS A 410 22.29 -4.37 -19.00
N SER A 411 23.41 -3.71 -19.32
CA SER A 411 24.20 -3.96 -20.54
C SER A 411 25.23 -2.84 -20.69
N LYS A 412 26.28 -3.10 -21.46
CA LYS A 412 27.30 -2.07 -21.74
C LYS A 412 27.07 -1.41 -23.11
N LYS A 413 26.33 -2.11 -23.98
CA LYS A 413 26.04 -1.68 -25.35
C LYS A 413 24.57 -1.24 -25.50
N PRO A 414 24.32 0.06 -25.72
CA PRO A 414 22.98 0.55 -26.02
C PRO A 414 22.30 -0.28 -27.11
N PRO A 415 21.28 -1.06 -26.76
CA PRO A 415 20.67 -2.00 -27.71
C PRO A 415 20.46 -1.40 -29.10
N MET A 416 20.76 -2.24 -30.08
CA MET A 416 20.58 -1.90 -31.47
C MET A 416 19.10 -1.56 -31.57
N PHE A 417 18.30 -2.54 -31.14
CA PHE A 417 16.86 -2.42 -31.08
C PHE A 417 16.34 -3.27 -29.92
N ALA A 418 15.04 -3.49 -29.88
CA ALA A 418 14.43 -4.43 -28.96
C ALA A 418 13.43 -5.27 -29.74
N THR A 419 12.66 -6.12 -29.06
CA THR A 419 11.61 -6.95 -29.70
C THR A 419 11.31 -8.20 -28.88
N LYS A 420 10.22 -8.87 -29.26
CA LYS A 420 9.84 -10.18 -28.75
C LYS A 420 10.94 -10.81 -27.89
N GLY A 421 10.77 -10.71 -26.56
CA GLY A 421 11.71 -11.30 -25.62
C GLY A 421 12.89 -10.41 -25.28
N MET A 422 12.60 -9.32 -24.57
CA MET A 422 13.61 -8.33 -24.24
C MET A 422 13.02 -7.25 -23.33
N LYS A 423 13.90 -6.65 -22.54
CA LYS A 423 13.56 -5.57 -21.61
C LYS A 423 14.71 -4.54 -21.63
N ILE A 424 14.43 -3.31 -21.19
CA ILE A 424 15.37 -2.20 -21.40
C ILE A 424 15.05 -0.96 -20.55
N ILE A 425 16.06 -0.13 -20.29
CA ILE A 425 15.89 1.12 -19.54
C ILE A 425 16.06 2.40 -20.42
N ALA A 426 15.07 2.65 -21.29
CA ALA A 426 15.07 3.76 -22.26
C ALA A 426 14.47 5.10 -21.79
N GLU A 427 14.87 6.17 -22.46
CA GLU A 427 14.30 7.51 -22.25
C GLU A 427 13.14 7.76 -23.23
N LEU A 428 11.95 7.95 -22.71
CA LEU A 428 10.79 8.20 -23.57
C LEU A 428 10.39 9.67 -23.50
N GLU A 429 9.86 10.16 -24.61
CA GLU A 429 9.39 11.54 -24.75
C GLU A 429 7.91 11.47 -25.10
N THR A 430 7.12 12.35 -24.51
CA THR A 430 5.73 12.48 -24.90
C THR A 430 5.62 13.84 -25.58
N GLN A 431 4.64 13.99 -26.47
CA GLN A 431 4.37 15.28 -27.10
C GLN A 431 3.61 16.23 -26.15
N THR A 432 2.94 15.65 -25.17
CA THR A 432 2.20 16.42 -24.16
C THR A 432 2.38 15.80 -22.78
N PRO A 433 2.54 16.65 -21.76
CA PRO A 433 2.81 16.20 -20.38
C PRO A 433 1.79 15.23 -19.81
N VAL A 434 2.27 14.41 -18.89
CA VAL A 434 1.48 13.34 -18.29
C VAL A 434 1.99 13.14 -16.88
N CYS A 435 1.07 12.99 -15.93
CA CYS A 435 1.47 12.87 -14.55
C CYS A 435 2.10 11.51 -14.27
N MET A 436 3.22 11.50 -13.55
CA MET A 436 3.86 10.26 -13.20
C MET A 436 4.83 10.42 -12.06
N GLU A 437 5.18 9.29 -11.46
CA GLU A 437 6.16 9.24 -10.39
C GLU A 437 6.94 7.95 -10.54
N ARG A 438 8.10 7.91 -9.88
CA ARG A 438 8.92 6.71 -9.84
C ARG A 438 8.07 5.62 -9.22
N PHE A 439 7.87 4.51 -9.93
CA PHE A 439 7.21 3.33 -9.37
C PHE A 439 7.75 3.08 -7.94
N GLU A 440 9.07 3.23 -7.79
CA GLU A 440 9.79 3.11 -6.52
C GLU A 440 9.20 3.98 -5.41
N ASP A 441 8.73 5.17 -5.80
CA ASP A 441 8.02 6.08 -4.90
C ASP A 441 6.52 5.79 -4.83
N TYR A 442 5.82 5.84 -5.95
CA TYR A 442 4.38 5.65 -5.93
C TYR A 442 3.99 4.65 -7.00
N GLN A 443 4.22 3.38 -6.71
CA GLN A 443 4.03 2.27 -7.68
C GLN A 443 3.00 2.50 -8.78
N TYR A 444 1.72 2.51 -8.46
CA TYR A 444 0.72 2.76 -9.50
C TYR A 444 1.19 3.86 -10.44
N MET A 445 1.44 5.03 -9.86
CA MET A 445 1.80 6.25 -10.59
C MET A 445 3.06 6.12 -11.47
N GLY A 446 3.73 4.98 -11.42
CA GLY A 446 4.88 4.74 -12.26
C GLY A 446 4.84 3.39 -12.99
N ARG A 447 3.63 2.89 -13.20
CA ARG A 447 3.44 1.59 -13.81
C ARG A 447 2.63 1.72 -15.10
N PHE A 448 3.33 1.66 -16.24
CA PHE A 448 2.70 1.83 -17.54
C PHE A 448 2.75 0.62 -18.45
N THR A 449 1.88 0.65 -19.47
CA THR A 449 1.90 -0.34 -20.55
C THR A 449 1.69 0.34 -21.91
N LEU A 450 2.23 -0.31 -22.94
CA LEU A 450 2.28 0.25 -24.28
C LEU A 450 1.46 -0.58 -25.27
N ARG A 451 0.45 0.05 -25.86
CA ARG A 451 -0.35 -0.54 -26.93
C ARG A 451 -0.04 0.12 -28.30
N ASP A 452 -0.17 -0.66 -29.39
CA ASP A 452 0.21 -0.24 -30.74
C ASP A 452 -0.89 -0.48 -31.78
N GLN A 453 -1.46 0.60 -32.31
CA GLN A 453 -2.54 0.56 -33.31
C GLN A 453 -3.74 -0.36 -32.94
N GLY A 454 -3.97 -0.55 -31.65
CA GLY A 454 -5.09 -1.34 -31.17
C GLY A 454 -4.72 -2.53 -30.30
N THR A 455 -3.48 -3.01 -30.40
CA THR A 455 -3.06 -4.25 -29.73
C THR A 455 -1.81 -4.09 -28.86
N THR A 456 -1.81 -4.70 -27.68
CA THR A 456 -0.75 -4.52 -26.69
C THR A 456 0.63 -5.04 -27.18
N VAL A 457 1.70 -4.47 -26.62
CA VAL A 457 3.07 -4.66 -27.14
C VAL A 457 4.17 -4.70 -26.06
N ALA A 458 3.99 -4.02 -24.94
CA ALA A 458 5.02 -3.95 -23.90
C ALA A 458 4.49 -3.48 -22.55
N VAL A 459 5.32 -3.56 -21.51
CA VAL A 459 4.97 -3.07 -20.17
C VAL A 459 6.21 -2.61 -19.41
N GLY A 460 6.08 -1.49 -18.74
CA GLY A 460 7.20 -0.94 -18.03
C GLY A 460 6.86 -0.19 -16.75
N LYS A 461 7.92 0.05 -15.97
CA LYS A 461 7.86 0.88 -14.79
C LYS A 461 8.82 2.03 -15.01
N VAL A 462 8.35 3.25 -14.78
CA VAL A 462 9.19 4.45 -14.88
C VAL A 462 10.16 4.54 -13.72
N VAL A 463 11.44 4.64 -14.02
CA VAL A 463 12.48 4.56 -13.03
C VAL A 463 12.99 5.91 -12.58
N LYS A 464 13.01 6.88 -13.49
CA LYS A 464 13.50 8.22 -13.18
C LYS A 464 12.78 9.29 -14.01
N ILE A 465 12.41 10.40 -13.37
CA ILE A 465 11.65 11.49 -13.98
C ILE A 465 12.60 12.56 -14.44
N LEU A 466 12.46 12.98 -15.70
CA LEU A 466 13.39 13.95 -16.30
C LEU A 466 12.84 15.37 -16.38
N ASP A 467 13.77 16.31 -16.38
CA ASP A 467 13.49 17.76 -16.43
C ASP A 467 12.56 18.18 -17.57
PG GNP B . 10.44 -9.10 23.44
O1G GNP B . 11.74 -9.71 23.07
O2G GNP B . 9.72 -8.43 22.33
O3G GNP B . 10.72 -8.25 24.68
N3B GNP B . 9.47 -10.27 23.89
PB GNP B . 8.30 -10.03 24.95
O1B GNP B . 8.83 -9.39 26.17
O2B GNP B . 7.22 -9.33 24.22
O3A GNP B . 7.73 -11.40 25.36
PA GNP B . 8.08 -12.73 24.70
O1A GNP B . 7.57 -12.72 23.31
O2A GNP B . 9.52 -13.03 24.86
O5' GNP B . 7.29 -13.85 25.50
C5' GNP B . 7.55 -14.05 26.89
C4' GNP B . 7.11 -15.43 27.35
O4' GNP B . 5.70 -15.61 27.04
C3' GNP B . 7.85 -16.57 26.66
O3' GNP B . 8.94 -17.02 27.48
C2' GNP B . 6.79 -17.65 26.42
O2' GNP B . 6.91 -18.78 27.29
C1' GNP B . 5.44 -16.95 26.64
N9 GNP B . 4.61 -16.92 25.43
C8 GNP B . 4.87 -16.18 24.30
N7 GNP B . 3.98 -16.33 23.36
C5 GNP B . 3.08 -17.24 23.87
C6 GNP B . 1.90 -17.77 23.28
O6 GNP B . 1.43 -17.54 22.16
N1 GNP B . 1.24 -18.66 24.13
C2 GNP B . 1.68 -18.99 25.40
N2 GNP B . 0.92 -19.86 26.08
N3 GNP B . 2.79 -18.48 25.97
C4 GNP B . 3.44 -17.61 25.16
#